data_9OH5
#
_entry.id   9OH5
#
_cell.length_a   1.00
_cell.length_b   1.00
_cell.length_c   1.00
_cell.angle_alpha   90.00
_cell.angle_beta   90.00
_cell.angle_gamma   90.00
#
_symmetry.space_group_name_H-M   'P 1'
#
_entity_poly.entity_id   1
_entity_poly.type   'polypeptide(L)'
_entity_poly.pdbx_seq_one_letter_code
;YTIKVEVPKVATQTVGGVELPVAAWRSYLNMELTIPIFATNSDCELIVKAMQGLLKDGNPIPSAIAANSGIYASNFTQFV
LVDNGGTGDVTVAPSNFANGVAEWISSNSRSQAYKVTCSVRQSSAQNRKYTIKVEVPKVATQTVGGVELPVAAWRSYLNM
ELTIPIFATNSDCELIVKAMQGLLKDGNPIPSAIAANSGIYASNFTQFVLVDNGGTGDVTVAPSNFANGVAEWISSNSRS
QAYKVTCSVRQSSAQNRK
;
_entity_poly.pdbx_strand_id   A,B
#
# COMPACT_ATOMS: atom_id res chain seq x y z
N TYR A 1 -0.15 0.89 -3.77
CA TYR A 1 0.87 1.53 -2.96
C TYR A 1 2.09 1.88 -3.79
N THR A 2 2.64 3.07 -3.56
CA THR A 2 3.88 3.52 -4.19
C THR A 2 4.98 3.51 -3.14
N ILE A 3 6.04 2.76 -3.38
CA ILE A 3 7.15 2.61 -2.44
C ILE A 3 8.45 2.92 -3.16
N LYS A 4 9.33 3.68 -2.52
CA LYS A 4 10.62 4.03 -3.07
C LYS A 4 11.71 3.81 -2.03
N VAL A 5 12.84 3.24 -2.48
CA VAL A 5 13.97 2.92 -1.62
C VAL A 5 15.26 3.43 -2.26
N GLU A 6 16.13 4.01 -1.44
CA GLU A 6 17.43 4.50 -1.87
C GLU A 6 18.51 3.90 -0.99
N VAL A 7 19.51 3.29 -1.63
CA VAL A 7 20.54 2.53 -0.94
C VAL A 7 21.89 3.15 -1.28
N PRO A 8 22.77 3.35 -0.30
CA PRO A 8 24.10 3.90 -0.61
C PRO A 8 25.13 2.80 -0.92
N LYS A 9 26.17 3.19 -1.64
CA LYS A 9 27.30 2.32 -1.91
C LYS A 9 28.35 2.51 -0.81
N VAL A 10 28.82 1.38 -0.26
CA VAL A 10 29.61 1.41 0.96
C VAL A 10 31.08 1.15 0.67
N ALA A 11 31.37 0.39 -0.39
CA ALA A 11 32.74 0.02 -0.70
C ALA A 11 33.57 1.24 -1.08
N THR A 12 34.74 1.37 -0.47
CA THR A 12 35.67 2.50 -0.63
C THR A 12 35.01 3.84 -0.39
N GLN A 13 34.03 3.89 0.51
CA GLN A 13 33.35 5.14 0.84
C GLN A 13 34.02 5.82 2.03
N THR A 14 34.16 7.14 1.93
CA THR A 14 34.66 7.94 3.04
C THR A 14 33.47 8.58 3.77
N VAL A 15 33.44 8.42 5.09
CA VAL A 15 32.31 8.86 5.89
C VAL A 15 32.35 10.38 6.03
N GLY A 16 31.27 11.04 5.61
CA GLY A 16 31.16 12.47 5.71
C GLY A 16 31.76 13.27 4.57
N GLY A 17 32.36 12.60 3.58
CA GLY A 17 32.98 13.29 2.46
C GLY A 17 32.01 13.62 1.35
N VAL A 18 32.55 14.26 0.32
CA VAL A 18 31.81 14.61 -0.89
C VAL A 18 32.22 13.63 -1.98
N GLU A 19 31.25 12.89 -2.53
CA GLU A 19 31.50 11.88 -3.54
C GLU A 19 30.65 12.19 -4.76
N LEU A 20 31.31 12.41 -5.89
CA LEU A 20 30.64 12.76 -7.14
C LEU A 20 31.14 11.87 -8.26
N PRO A 21 30.32 11.61 -9.28
CA PRO A 21 28.92 12.06 -9.46
C PRO A 21 27.95 11.31 -8.55
N VAL A 22 26.71 11.81 -8.43
CA VAL A 22 25.73 11.21 -7.54
C VAL A 22 25.30 9.84 -8.07
N ALA A 23 25.15 9.71 -9.38
CA ALA A 23 24.64 8.47 -9.97
C ALA A 23 25.60 7.30 -9.81
N ALA A 24 26.84 7.56 -9.43
CA ALA A 24 27.84 6.51 -9.27
C ALA A 24 27.91 5.95 -7.86
N TRP A 25 27.05 6.40 -6.95
CA TRP A 25 27.15 6.02 -5.55
C TRP A 25 25.82 5.59 -4.92
N ARG A 26 24.72 5.56 -5.67
CA ARG A 26 23.41 5.28 -5.09
C ARG A 26 22.63 4.32 -5.97
N SER A 27 21.88 3.42 -5.32
CA SER A 27 21.01 2.48 -6.00
C SER A 27 19.55 2.81 -5.70
N TYR A 28 18.70 2.67 -6.71
CA TYR A 28 17.31 3.13 -6.66
C TYR A 28 16.36 1.96 -6.84
N LEU A 29 15.30 1.92 -6.03
CA LEU A 29 14.25 0.91 -6.14
C LEU A 29 12.89 1.59 -6.14
N ASN A 30 12.05 1.24 -7.11
CA ASN A 30 10.71 1.81 -7.24
C ASN A 30 9.71 0.68 -7.40
N MET A 31 8.74 0.60 -6.49
CA MET A 31 7.73 -0.44 -6.50
C MET A 31 6.33 0.16 -6.59
N GLU A 32 5.52 -0.40 -7.48
CA GLU A 32 4.12 -0.02 -7.64
C GLU A 32 3.24 -1.24 -7.45
N LEU A 33 2.19 -1.08 -6.65
CA LEU A 33 1.26 -2.16 -6.33
C LEU A 33 -0.16 -1.71 -6.62
N THR A 34 -0.87 -2.47 -7.44
CA THR A 34 -2.25 -2.20 -7.80
C THR A 34 -3.12 -3.34 -7.27
N ILE A 35 -4.09 -3.00 -6.42
CA ILE A 35 -4.97 -3.95 -5.76
C ILE A 35 -6.40 -3.55 -6.06
N PRO A 36 -7.24 -4.46 -6.57
CA PRO A 36 -8.64 -4.11 -6.85
C PRO A 36 -9.43 -3.88 -5.56
N ILE A 37 -10.49 -3.07 -5.68
CA ILE A 37 -11.31 -2.71 -4.54
C ILE A 37 -12.09 -3.88 -3.97
N PHE A 38 -12.19 -4.99 -4.70
CA PHE A 38 -12.93 -6.16 -4.24
C PHE A 38 -12.13 -7.04 -3.29
N ALA A 39 -10.84 -6.77 -3.10
CA ALA A 39 -10.00 -7.60 -2.27
C ALA A 39 -10.26 -7.33 -0.79
N THR A 40 -10.36 -8.40 -0.02
CA THR A 40 -10.56 -8.31 1.41
C THR A 40 -9.22 -8.35 2.13
N ASN A 41 -9.24 -8.42 3.47
CA ASN A 41 -7.99 -8.48 4.22
C ASN A 41 -7.23 -9.76 3.93
N SER A 42 -7.93 -10.89 3.83
CA SER A 42 -7.27 -12.17 3.58
C SER A 42 -6.57 -12.18 2.23
N ASP A 43 -7.12 -11.49 1.23
CA ASP A 43 -6.44 -11.36 -0.06
C ASP A 43 -5.17 -10.55 0.07
N CYS A 44 -5.21 -9.48 0.86
CA CYS A 44 -4.03 -8.65 1.08
C CYS A 44 -2.93 -9.41 1.81
N GLU A 45 -3.29 -10.24 2.79
CA GLU A 45 -2.28 -11.07 3.43
C GLU A 45 -1.63 -12.04 2.46
N LEU A 46 -2.41 -12.61 1.54
CA LEU A 46 -1.85 -13.49 0.52
C LEU A 46 -0.89 -12.74 -0.40
N ILE A 47 -1.25 -11.51 -0.78
CA ILE A 47 -0.36 -10.70 -1.62
C ILE A 47 0.94 -10.40 -0.88
N VAL A 48 0.84 -10.07 0.41
CA VAL A 48 2.04 -9.81 1.20
C VAL A 48 2.90 -11.08 1.28
N LYS A 49 2.27 -12.24 1.47
CA LYS A 49 3.02 -13.49 1.52
C LYS A 49 3.71 -13.79 0.19
N ALA A 50 3.04 -13.51 -0.93
CA ALA A 50 3.67 -13.69 -2.24
C ALA A 50 4.90 -12.80 -2.38
N MET A 51 4.79 -11.54 -1.94
CA MET A 51 5.95 -10.66 -1.97
C MET A 51 7.08 -11.17 -1.07
N GLN A 52 6.75 -11.65 0.12
CA GLN A 52 7.77 -12.19 1.01
C GLN A 52 8.46 -13.40 0.40
N GLY A 53 7.70 -14.24 -0.32
CA GLY A 53 8.29 -15.42 -0.94
C GLY A 53 9.06 -15.13 -2.20
N LEU A 54 8.76 -14.01 -2.87
CA LEU A 54 9.51 -13.66 -4.07
C LEU A 54 10.96 -13.35 -3.77
N LEU A 55 11.24 -12.66 -2.67
CA LEU A 55 12.58 -12.19 -2.35
C LEU A 55 13.26 -13.03 -1.27
N LYS A 56 12.74 -14.21 -0.96
CA LYS A 56 13.35 -15.06 0.05
C LYS A 56 14.70 -15.58 -0.42
N ASP A 57 15.60 -15.79 0.53
CA ASP A 57 16.95 -16.26 0.22
C ASP A 57 16.90 -17.62 -0.45
N GLY A 58 17.81 -17.83 -1.41
CA GLY A 58 17.89 -19.06 -2.16
C GLY A 58 17.03 -19.12 -3.40
N ASN A 59 16.25 -18.09 -3.69
CA ASN A 59 15.37 -18.04 -4.84
C ASN A 59 16.06 -17.35 -6.01
N PRO A 60 15.56 -17.57 -7.24
CA PRO A 60 16.27 -17.03 -8.42
C PRO A 60 16.51 -15.53 -8.41
N ILE A 61 15.50 -14.72 -8.08
CA ILE A 61 15.64 -13.27 -8.20
C ILE A 61 16.67 -12.70 -7.22
N PRO A 62 16.61 -12.99 -5.92
CA PRO A 62 17.68 -12.48 -5.03
C PRO A 62 19.06 -13.01 -5.36
N SER A 63 19.15 -14.26 -5.83
CA SER A 63 20.45 -14.80 -6.22
C SER A 63 21.01 -14.05 -7.43
N ALA A 64 20.16 -13.74 -8.40
CA ALA A 64 20.61 -12.98 -9.57
C ALA A 64 21.02 -11.56 -9.19
N ILE A 65 20.25 -10.92 -8.30
CA ILE A 65 20.57 -9.54 -7.93
C ILE A 65 21.85 -9.47 -7.10
N ALA A 66 22.02 -10.42 -6.17
CA ALA A 66 23.14 -10.36 -5.25
C ALA A 66 24.48 -10.63 -5.92
N ALA A 67 24.49 -11.13 -7.15
CA ALA A 67 25.73 -11.48 -7.85
C ALA A 67 25.90 -10.73 -9.16
N ASN A 68 25.14 -9.65 -9.36
CA ASN A 68 25.19 -8.82 -10.56
C ASN A 68 24.85 -9.57 -11.83
N SER A 69 24.31 -10.78 -11.72
CA SER A 69 24.08 -11.64 -12.86
C SER A 69 22.65 -11.48 -13.39
N GLY A 70 22.36 -12.15 -14.49
CA GLY A 70 21.03 -12.27 -15.04
C GLY A 70 20.43 -13.63 -14.75
N ILE A 71 19.58 -14.09 -15.67
CA ILE A 71 18.94 -15.40 -15.57
C ILE A 71 19.62 -16.31 -16.58
N TYR A 72 20.17 -17.43 -16.08
CA TYR A 72 20.81 -18.41 -16.94
C TYR A 72 20.35 -19.82 -16.58
N ALA A 73 20.98 -20.85 -17.16
CA ALA A 73 20.50 -22.21 -17.09
C ALA A 73 20.95 -22.95 -15.83
N SER A 74 21.30 -22.23 -14.77
CA SER A 74 21.63 -22.84 -13.49
C SER A 74 20.86 -22.26 -12.31
N ASN A 75 20.36 -21.04 -12.41
CA ASN A 75 19.48 -20.47 -11.41
C ASN A 75 18.03 -20.37 -11.87
N PHE A 76 17.70 -20.91 -13.04
CA PHE A 76 16.34 -20.95 -13.55
C PHE A 76 15.66 -22.19 -12.98
N THR A 77 15.09 -22.04 -11.79
CA THR A 77 14.51 -23.15 -11.05
C THR A 77 13.16 -22.75 -10.49
N GLN A 78 12.34 -23.76 -10.18
CA GLN A 78 11.04 -23.54 -9.58
C GLN A 78 11.17 -23.27 -8.09
N PHE A 79 10.31 -22.38 -7.58
CA PHE A 79 10.37 -21.97 -6.19
C PHE A 79 8.96 -21.73 -5.68
N VAL A 80 8.82 -21.77 -4.34
CA VAL A 80 7.53 -21.55 -3.69
C VAL A 80 7.26 -20.05 -3.64
N LEU A 81 6.29 -19.59 -4.44
CA LEU A 81 5.93 -18.18 -4.43
C LEU A 81 5.16 -17.81 -3.17
N VAL A 82 4.18 -18.64 -2.79
CA VAL A 82 3.35 -18.39 -1.61
C VAL A 82 3.48 -19.57 -0.67
N ASP A 83 3.87 -19.30 0.57
CA ASP A 83 4.05 -20.34 1.58
C ASP A 83 2.86 -20.29 2.53
N ASN A 84 2.18 -21.42 2.69
CA ASN A 84 1.02 -21.55 3.57
C ASN A 84 1.22 -22.67 4.58
N GLY A 85 2.43 -22.78 5.13
CA GLY A 85 2.74 -23.80 6.11
C GLY A 85 2.72 -25.22 5.58
N GLY A 86 3.17 -25.41 4.34
CA GLY A 86 3.25 -26.74 3.75
C GLY A 86 1.98 -27.27 3.14
N THR A 87 0.84 -26.63 3.37
CA THR A 87 -0.44 -27.05 2.82
C THR A 87 -1.06 -25.87 2.10
N GLY A 88 -1.40 -26.05 0.82
CA GLY A 88 -1.91 -24.95 0.03
C GLY A 88 -0.85 -24.03 -0.52
N ASP A 89 0.41 -24.47 -0.54
CA ASP A 89 1.49 -23.65 -1.07
C ASP A 89 1.30 -23.42 -2.56
N VAL A 90 1.69 -22.23 -3.02
CA VAL A 90 1.63 -21.88 -4.44
C VAL A 90 3.06 -21.81 -4.96
N THR A 91 3.39 -22.67 -5.92
CA THR A 91 4.70 -22.71 -6.53
C THR A 91 4.61 -22.38 -8.01
N VAL A 92 5.69 -21.80 -8.54
CA VAL A 92 5.80 -21.42 -9.94
C VAL A 92 6.95 -22.21 -10.56
N ALA A 93 6.86 -22.48 -11.86
CA ALA A 93 7.86 -23.25 -12.57
C ALA A 93 8.28 -22.54 -13.84
N PRO A 94 9.52 -22.75 -14.28
CA PRO A 94 9.99 -22.08 -15.51
C PRO A 94 9.13 -22.44 -16.71
N SER A 95 8.76 -21.41 -17.48
CA SER A 95 7.88 -21.63 -18.62
C SER A 95 8.26 -20.89 -19.89
N ASN A 96 9.14 -19.88 -19.85
CA ASN A 96 9.48 -19.17 -21.07
C ASN A 96 10.74 -18.33 -20.85
N PHE A 97 11.55 -18.24 -21.92
CA PHE A 97 12.73 -17.39 -21.95
C PHE A 97 12.87 -16.70 -23.30
N ALA A 98 11.75 -16.42 -23.96
CA ALA A 98 11.79 -15.77 -25.27
C ALA A 98 11.93 -14.26 -25.11
N ASN A 99 12.62 -13.65 -26.08
CA ASN A 99 12.86 -12.21 -26.13
C ASN A 99 13.63 -11.68 -24.92
N GLY A 100 14.35 -12.56 -24.22
CA GLY A 100 15.14 -12.13 -23.09
C GLY A 100 14.37 -11.86 -21.81
N VAL A 101 13.16 -12.39 -21.70
CA VAL A 101 12.33 -12.21 -20.51
C VAL A 101 12.12 -13.59 -19.90
N ALA A 102 12.53 -13.75 -18.65
CA ALA A 102 12.32 -15.01 -17.95
C ALA A 102 10.94 -15.04 -17.29
N GLU A 103 10.23 -16.15 -17.46
CA GLU A 103 8.84 -16.25 -17.01
C GLU A 103 8.63 -17.52 -16.18
N TRP A 104 7.81 -17.38 -15.14
CA TRP A 104 7.35 -18.49 -14.30
C TRP A 104 5.83 -18.41 -14.19
N ILE A 105 5.17 -19.57 -14.24
CA ILE A 105 3.73 -19.68 -14.02
C ILE A 105 3.46 -20.85 -13.09
N SER A 106 2.30 -20.81 -12.45
CA SER A 106 1.87 -21.90 -11.58
C SER A 106 1.20 -23.00 -12.40
N SER A 107 1.08 -24.18 -11.78
CA SER A 107 0.52 -25.37 -12.46
C SER A 107 -1.00 -25.25 -12.47
N ASN A 108 -1.49 -24.37 -13.36
CA ASN A 108 -2.90 -24.09 -13.50
C ASN A 108 -3.15 -23.67 -14.95
N SER A 109 -4.41 -23.41 -15.28
CA SER A 109 -4.73 -22.90 -16.59
C SER A 109 -4.21 -21.48 -16.76
N ARG A 110 -4.07 -21.06 -18.02
CA ARG A 110 -3.50 -19.74 -18.32
C ARG A 110 -4.37 -18.61 -17.79
N SER A 111 -5.63 -18.88 -17.48
CA SER A 111 -6.53 -17.85 -16.96
C SER A 111 -6.62 -17.84 -15.44
N GLN A 112 -5.97 -18.77 -14.75
CA GLN A 112 -6.02 -18.84 -13.30
C GLN A 112 -4.65 -19.02 -12.65
N ALA A 113 -3.58 -18.56 -13.29
CA ALA A 113 -2.22 -18.85 -12.84
C ALA A 113 -1.52 -17.61 -12.32
N TYR A 114 -0.75 -17.79 -11.24
CA TYR A 114 0.17 -16.77 -10.77
C TYR A 114 1.30 -16.59 -11.77
N LYS A 115 1.67 -15.34 -12.04
CA LYS A 115 2.62 -15.05 -13.09
C LYS A 115 3.80 -14.24 -12.54
N VAL A 116 5.02 -14.60 -12.94
CA VAL A 116 6.24 -13.90 -12.54
C VAL A 116 7.09 -13.68 -13.78
N THR A 117 7.55 -12.45 -13.99
CA THR A 117 8.44 -12.13 -15.10
C THR A 117 9.61 -11.28 -14.62
N CYS A 118 10.79 -11.55 -15.19
CA CYS A 118 12.01 -10.85 -14.81
C CYS A 118 12.85 -10.56 -16.05
N SER A 119 13.43 -9.36 -16.10
CA SER A 119 14.32 -8.99 -17.18
C SER A 119 15.38 -8.02 -16.68
N VAL A 120 16.54 -8.03 -17.34
CA VAL A 120 17.65 -7.14 -17.02
C VAL A 120 18.05 -6.40 -18.30
N ARG A 121 18.66 -5.23 -18.13
CA ARG A 121 19.07 -4.45 -19.29
C ARG A 121 20.12 -3.42 -18.88
N GLN A 122 21.10 -3.20 -19.77
CA GLN A 122 22.01 -2.08 -19.59
C GLN A 122 21.32 -0.80 -20.06
N SER A 123 20.61 -0.12 -19.15
CA SER A 123 19.79 1.01 -19.53
C SER A 123 20.61 2.25 -19.84
N SER A 124 21.76 2.43 -19.20
CA SER A 124 22.58 3.62 -19.42
C SER A 124 24.03 3.18 -19.55
N ALA A 125 24.92 4.17 -19.69
CA ALA A 125 26.34 3.87 -19.81
C ALA A 125 26.90 3.25 -18.54
N GLN A 126 26.46 3.73 -17.37
CA GLN A 126 26.99 3.25 -16.09
C GLN A 126 25.89 2.74 -15.16
N ASN A 127 24.74 2.36 -15.70
CA ASN A 127 23.61 1.88 -14.89
C ASN A 127 23.06 0.60 -15.48
N ARG A 128 22.59 -0.29 -14.60
CA ARG A 128 21.92 -1.52 -14.99
C ARG A 128 20.55 -1.56 -14.33
N LYS A 129 19.54 -2.01 -15.09
CA LYS A 129 18.15 -1.91 -14.67
C LYS A 129 17.49 -3.29 -14.70
N TYR A 130 16.88 -3.65 -13.57
CA TYR A 130 16.06 -4.84 -13.44
C TYR A 130 14.59 -4.45 -13.46
N THR A 131 13.80 -5.18 -14.26
CA THR A 131 12.36 -5.03 -14.32
C THR A 131 11.72 -6.33 -13.86
N ILE A 132 10.88 -6.27 -12.83
CA ILE A 132 10.25 -7.45 -12.25
C ILE A 132 8.75 -7.21 -12.15
N LYS A 133 7.97 -8.20 -12.56
CA LYS A 133 6.51 -8.10 -12.52
C LYS A 133 5.91 -9.36 -11.92
N VAL A 134 4.86 -9.18 -11.11
CA VAL A 134 4.14 -10.28 -10.48
C VAL A 134 2.64 -10.04 -10.66
N GLU A 135 1.91 -11.12 -10.99
CA GLU A 135 0.47 -11.08 -11.18
C GLU A 135 -0.17 -12.14 -10.30
N VAL A 136 -1.13 -11.72 -9.47
CA VAL A 136 -1.80 -12.60 -8.51
C VAL A 136 -3.30 -12.65 -8.84
N PRO A 137 -3.85 -13.82 -9.15
CA PRO A 137 -5.25 -13.90 -9.57
C PRO A 137 -6.21 -14.21 -8.42
N LYS A 138 -7.49 -14.00 -8.70
CA LYS A 138 -8.60 -14.44 -7.85
C LYS A 138 -9.46 -15.39 -8.67
N VAL A 139 -9.33 -16.69 -8.39
CA VAL A 139 -9.91 -17.70 -9.28
C VAL A 139 -11.42 -17.77 -9.09
N ALA A 140 -12.13 -18.08 -10.18
CA ALA A 140 -13.58 -18.20 -10.14
C ALA A 140 -14.04 -19.00 -11.35
N THR A 141 -15.31 -19.38 -11.33
CA THR A 141 -15.97 -20.04 -12.45
C THR A 141 -17.07 -19.13 -12.97
N GLN A 142 -17.11 -18.92 -14.29
CA GLN A 142 -18.00 -17.97 -14.93
C GLN A 142 -18.74 -18.66 -16.08
N THR A 143 -20.05 -18.41 -16.17
CA THR A 143 -20.92 -19.13 -17.10
C THR A 143 -21.21 -18.24 -18.32
N VAL A 144 -20.69 -18.65 -19.47
CA VAL A 144 -20.94 -18.00 -20.75
C VAL A 144 -21.68 -18.98 -21.65
N GLY A 145 -22.79 -18.53 -22.24
CA GLY A 145 -23.56 -19.38 -23.13
C GLY A 145 -24.05 -20.66 -22.49
N GLY A 146 -24.24 -20.66 -21.18
CA GLY A 146 -24.65 -21.86 -20.47
C GLY A 146 -23.54 -22.81 -20.12
N VAL A 147 -22.28 -22.47 -20.43
CA VAL A 147 -21.14 -23.34 -20.18
C VAL A 147 -20.21 -22.66 -19.18
N GLU A 148 -19.68 -23.44 -18.25
CA GLU A 148 -18.80 -22.93 -17.20
C GLU A 148 -17.36 -22.89 -17.71
N LEU A 149 -16.65 -21.81 -17.38
CA LEU A 149 -15.24 -21.68 -17.71
C LEU A 149 -14.47 -21.17 -16.50
N PRO A 150 -13.23 -21.62 -16.32
CA PRO A 150 -12.39 -21.07 -15.25
C PRO A 150 -11.81 -19.72 -15.68
N VAL A 151 -11.97 -18.71 -14.83
CA VAL A 151 -11.48 -17.36 -15.08
C VAL A 151 -10.93 -16.78 -13.79
N ALA A 152 -10.48 -15.53 -13.87
CA ALA A 152 -10.08 -14.75 -12.71
C ALA A 152 -11.02 -13.56 -12.60
N ALA A 153 -11.63 -13.39 -11.42
CA ALA A 153 -12.50 -12.24 -11.19
C ALA A 153 -11.73 -10.94 -11.32
N TRP A 154 -10.52 -10.89 -10.75
CA TRP A 154 -9.65 -9.74 -10.87
C TRP A 154 -8.22 -10.19 -10.63
N ARG A 155 -7.27 -9.34 -10.99
CA ARG A 155 -5.85 -9.62 -10.80
C ARG A 155 -5.18 -8.45 -10.10
N SER A 156 -4.30 -8.78 -9.14
CA SER A 156 -3.48 -7.80 -8.46
C SER A 156 -2.10 -7.75 -9.13
N TYR A 157 -1.59 -6.54 -9.34
CA TYR A 157 -0.37 -6.33 -10.12
C TYR A 157 0.72 -5.72 -9.24
N LEU A 158 1.94 -6.23 -9.39
CA LEU A 158 3.11 -5.65 -8.73
C LEU A 158 4.20 -5.45 -9.76
N ASN A 159 4.79 -4.26 -9.80
CA ASN A 159 5.92 -3.99 -10.67
C ASN A 159 7.04 -3.32 -9.90
N MET A 160 8.27 -3.65 -10.26
CA MET A 160 9.45 -3.14 -9.58
C MET A 160 10.53 -2.83 -10.59
N GLU A 161 11.15 -1.66 -10.43
CA GLU A 161 12.32 -1.26 -11.21
C GLU A 161 13.48 -1.02 -10.26
N LEU A 162 14.64 -1.58 -10.60
CA LEU A 162 15.82 -1.51 -9.75
C LEU A 162 17.02 -1.05 -10.57
N THR A 163 17.59 0.09 -10.21
CA THR A 163 18.72 0.67 -10.92
C THR A 163 19.96 0.61 -10.04
N ILE A 164 21.04 0.03 -10.58
CA ILE A 164 22.29 -0.19 -9.86
C ILE A 164 23.46 0.37 -10.67
N PRO A 165 24.39 1.11 -10.06
CA PRO A 165 25.58 1.54 -10.79
C PRO A 165 26.56 0.41 -11.04
N ILE A 166 27.36 0.56 -12.09
CA ILE A 166 28.30 -0.49 -12.49
C ILE A 166 29.44 -0.66 -11.50
N PHE A 167 29.69 0.33 -10.64
CA PHE A 167 30.79 0.25 -9.69
C PHE A 167 30.44 -0.53 -8.44
N ALA A 168 29.21 -1.04 -8.34
CA ALA A 168 28.78 -1.74 -7.14
C ALA A 168 29.47 -3.11 -7.03
N THR A 169 29.97 -3.40 -5.83
CA THR A 169 30.58 -4.68 -5.51
C THR A 169 29.49 -5.69 -5.15
N ASN A 170 29.86 -6.97 -5.15
CA ASN A 170 28.91 -8.02 -4.76
C ASN A 170 28.35 -7.78 -3.36
N SER A 171 29.18 -7.24 -2.45
CA SER A 171 28.69 -6.92 -1.11
C SER A 171 27.64 -5.82 -1.13
N ASP A 172 27.80 -4.84 -2.03
CA ASP A 172 26.78 -3.81 -2.17
C ASP A 172 25.45 -4.39 -2.64
N CYS A 173 25.50 -5.33 -3.59
CA CYS A 173 24.28 -6.01 -4.04
C CYS A 173 23.66 -6.85 -2.93
N GLU A 174 24.50 -7.49 -2.10
CA GLU A 174 23.99 -8.21 -0.94
C GLU A 174 23.29 -7.27 0.03
N LEU A 175 23.85 -6.08 0.24
CA LEU A 175 23.19 -5.08 1.08
C LEU A 175 21.84 -4.68 0.50
N ILE A 176 21.78 -4.50 -0.82
CA ILE A 176 20.50 -4.17 -1.47
C ILE A 176 19.49 -5.27 -1.24
N VAL A 177 19.91 -6.54 -1.40
CA VAL A 177 18.99 -7.65 -1.20
C VAL A 177 18.49 -7.70 0.25
N LYS A 178 19.40 -7.49 1.20
CA LYS A 178 19.01 -7.52 2.61
C LYS A 178 18.03 -6.39 2.94
N ALA A 179 18.26 -5.19 2.38
CA ALA A 179 17.32 -4.11 2.60
C ALA A 179 15.95 -4.43 1.99
N MET A 180 15.94 -5.03 0.80
CA MET A 180 14.68 -5.44 0.19
C MET A 180 13.94 -6.45 1.05
N GLN A 181 14.66 -7.42 1.61
CA GLN A 181 14.04 -8.43 2.46
C GLN A 181 13.51 -7.82 3.75
N GLY A 182 14.27 -6.90 4.35
CA GLY A 182 13.85 -6.30 5.61
C GLY A 182 12.74 -5.28 5.46
N LEU A 183 12.54 -4.74 4.25
CA LEU A 183 11.43 -3.82 4.04
C LEU A 183 10.08 -4.50 4.25
N LEU A 184 9.95 -5.74 3.79
CA LEU A 184 8.66 -6.43 3.79
C LEU A 184 8.54 -7.49 4.87
N LYS A 185 9.41 -7.48 5.87
CA LYS A 185 9.33 -8.47 6.95
C LYS A 185 8.05 -8.28 7.74
N ASP A 186 7.49 -9.40 8.21
CA ASP A 186 6.25 -9.36 8.97
C ASP A 186 6.46 -8.59 10.28
N GLY A 187 5.51 -7.71 10.61
CA GLY A 187 5.59 -6.87 11.78
C GLY A 187 6.05 -5.46 11.51
N ASN A 188 6.56 -5.18 10.32
CA ASN A 188 7.02 -3.86 9.95
C ASN A 188 5.87 -3.01 9.42
N PRO A 189 6.02 -1.68 9.42
CA PRO A 189 4.87 -0.81 9.08
C PRO A 189 4.23 -1.06 7.73
N ILE A 190 5.02 -1.19 6.66
CA ILE A 190 4.44 -1.27 5.32
C ILE A 190 3.62 -2.54 5.11
N PRO A 191 4.11 -3.75 5.40
CA PRO A 191 3.24 -4.93 5.25
C PRO A 191 2.02 -4.89 6.15
N SER A 192 2.15 -4.35 7.37
CA SER A 192 1.00 -4.25 8.26
C SER A 192 -0.06 -3.32 7.68
N ALA A 193 0.37 -2.19 7.10
CA ALA A 193 -0.58 -1.28 6.47
C ALA A 193 -1.23 -1.91 5.24
N ILE A 194 -0.46 -2.68 4.47
CA ILE A 194 -1.03 -3.30 3.27
C ILE A 194 -2.04 -4.38 3.64
N ALA A 195 -1.74 -5.17 4.68
CA ALA A 195 -2.62 -6.27 5.05
C ALA A 195 -3.94 -5.79 5.64
N ALA A 196 -4.01 -4.54 6.12
CA ALA A 196 -5.21 -4.03 6.77
C ALA A 196 -5.92 -2.96 5.96
N ASN A 197 -5.61 -2.83 4.66
CA ASN A 197 -6.29 -1.90 3.76
C ASN A 197 -6.18 -0.45 4.24
N SER A 198 -5.09 -0.11 4.93
CA SER A 198 -4.96 1.22 5.52
C SER A 198 -3.67 1.91 5.07
N GLY A 199 -3.35 3.02 5.71
CA GLY A 199 -2.11 3.74 5.43
C GLY A 199 -1.22 3.88 6.64
N ILE A 200 -0.19 4.71 6.53
CA ILE A 200 0.74 4.98 7.62
C ILE A 200 0.45 6.39 8.13
N TYR A 201 -0.16 6.50 9.31
CA TYR A 201 -0.60 7.81 9.80
C TYR A 201 0.11 8.23 11.08
N ALA A 202 -0.12 7.57 12.21
CA ALA A 202 0.49 8.00 13.46
C ALA A 202 0.97 6.87 14.37
N SER A 203 0.33 5.70 14.34
CA SER A 203 0.65 4.63 15.28
C SER A 203 1.51 3.53 14.68
N ASN A 204 1.43 3.35 13.36
CA ASN A 204 2.35 2.46 12.66
C ASN A 204 3.54 3.20 12.07
N PHE A 205 3.62 4.51 12.27
CA PHE A 205 4.76 5.31 11.80
C PHE A 205 5.86 5.28 12.87
N THR A 206 6.57 4.17 12.90
CA THR A 206 7.62 3.94 13.89
C THR A 206 8.89 3.47 13.22
N GLN A 207 10.00 3.66 13.92
CA GLN A 207 11.31 3.25 13.42
C GLN A 207 11.40 1.73 13.33
N PHE A 208 12.20 1.24 12.37
CA PHE A 208 12.35 -0.20 12.22
C PHE A 208 13.70 -0.54 11.61
N VAL A 209 14.09 -1.80 11.76
CA VAL A 209 15.35 -2.30 11.22
C VAL A 209 15.17 -2.60 9.74
N LEU A 210 15.97 -1.94 8.90
CA LEU A 210 15.90 -2.16 7.46
C LEU A 210 16.87 -3.24 6.99
N VAL A 211 18.08 -3.25 7.54
CA VAL A 211 19.10 -4.25 7.21
C VAL A 211 19.46 -4.98 8.50
N ASP A 212 19.35 -6.30 8.48
CA ASP A 212 19.63 -7.13 9.64
C ASP A 212 20.95 -7.85 9.40
N ASN A 213 21.92 -7.63 10.29
CA ASN A 213 23.25 -8.20 10.19
C ASN A 213 23.63 -8.95 11.45
N GLY A 214 22.68 -9.69 12.01
CA GLY A 214 22.94 -10.49 13.20
C GLY A 214 23.23 -9.69 14.45
N GLY A 215 22.50 -8.61 14.69
CA GLY A 215 22.67 -7.83 15.90
C GLY A 215 23.77 -6.79 15.83
N THR A 216 24.88 -7.13 15.18
CA THR A 216 26.02 -6.23 15.06
C THR A 216 26.07 -5.67 13.64
N GLY A 217 26.13 -4.34 13.53
CA GLY A 217 26.12 -3.71 12.23
C GLY A 217 24.75 -3.54 11.61
N ASP A 218 23.70 -3.59 12.42
CA ASP A 218 22.34 -3.43 11.90
C ASP A 218 22.09 -1.99 11.48
N VAL A 219 21.16 -1.83 10.54
CA VAL A 219 20.77 -0.52 10.04
C VAL A 219 19.33 -0.27 10.45
N THR A 220 19.09 0.84 11.15
CA THR A 220 17.77 1.23 11.61
C THR A 220 17.36 2.52 10.91
N VAL A 221 16.09 2.60 10.54
CA VAL A 221 15.54 3.79 9.89
C VAL A 221 14.46 4.37 10.80
N ALA A 222 14.42 5.70 10.89
CA ALA A 222 13.53 6.44 11.77
C ALA A 222 12.72 7.45 10.97
N PRO A 223 11.51 7.77 11.43
CA PRO A 223 10.67 8.73 10.71
C PRO A 223 11.29 10.12 10.68
N SER A 224 11.15 10.78 9.52
CA SER A 224 11.70 12.12 9.36
C SER A 224 10.81 13.11 8.63
N ASN A 225 9.75 12.66 7.95
CA ASN A 225 8.91 13.60 7.22
C ASN A 225 7.53 12.99 7.03
N PHE A 226 6.50 13.86 7.02
CA PHE A 226 5.13 13.41 6.82
C PHE A 226 4.36 14.38 5.92
N ALA A 227 5.04 15.21 5.14
CA ALA A 227 4.37 16.19 4.30
C ALA A 227 3.58 15.50 3.20
N ASN A 228 2.39 16.04 2.91
CA ASN A 228 1.51 15.58 1.84
C ASN A 228 1.04 14.14 2.05
N GLY A 229 1.19 13.61 3.25
CA GLY A 229 0.78 12.26 3.55
C GLY A 229 1.80 11.18 3.21
N VAL A 230 2.92 11.54 2.60
CA VAL A 230 3.96 10.58 2.24
C VAL A 230 4.83 10.34 3.46
N ALA A 231 4.98 9.08 3.85
CA ALA A 231 5.81 8.74 5.00
C ALA A 231 7.25 8.51 4.56
N GLU A 232 8.19 9.02 5.36
CA GLU A 232 9.61 8.97 5.01
C GLU A 232 10.44 8.56 6.21
N TRP A 233 11.35 7.61 5.98
CA TRP A 233 12.31 7.12 6.96
C TRP A 233 13.72 7.34 6.44
N ILE A 234 14.63 7.72 7.35
CA ILE A 234 16.04 7.85 7.02
C ILE A 234 16.88 7.22 8.13
N SER A 235 18.14 6.92 7.79
CA SER A 235 19.10 6.41 8.75
C SER A 235 19.97 7.56 9.28
N SER A 236 20.83 7.25 10.24
CA SER A 236 21.66 8.26 10.92
C SER A 236 22.90 8.56 10.09
N ASN A 237 22.68 9.32 9.01
CA ASN A 237 23.73 9.66 8.06
C ASN A 237 23.36 10.99 7.40
N SER A 238 24.26 11.48 6.56
CA SER A 238 23.93 12.59 5.69
C SER A 238 22.97 12.13 4.60
N ARG A 239 22.22 13.07 4.03
CA ARG A 239 21.22 12.74 3.03
C ARG A 239 21.84 12.18 1.75
N SER A 240 23.14 12.31 1.56
CA SER A 240 23.81 11.76 0.38
C SER A 240 24.39 10.37 0.62
N GLN A 241 24.37 9.86 1.86
CA GLN A 241 24.96 8.57 2.18
C GLN A 241 24.06 7.71 3.05
N ALA A 242 22.75 7.93 3.02
CA ALA A 242 21.82 7.26 3.92
C ALA A 242 20.86 6.35 3.16
N TYR A 243 20.26 5.43 3.90
CA TYR A 243 19.14 4.63 3.40
C TYR A 243 17.87 5.46 3.51
N LYS A 244 17.12 5.55 2.41
CA LYS A 244 15.90 6.36 2.40
C LYS A 244 14.72 5.50 2.00
N VAL A 245 13.62 5.59 2.74
CA VAL A 245 12.40 4.86 2.45
C VAL A 245 11.23 5.84 2.38
N THR A 246 10.45 5.77 1.31
CA THR A 246 9.24 6.58 1.19
C THR A 246 8.06 5.71 0.78
N CYS A 247 6.92 5.93 1.42
CA CYS A 247 5.71 5.17 1.14
C CYS A 247 4.51 6.11 1.03
N SER A 248 3.65 5.82 0.06
CA SER A 248 2.41 6.56 -0.10
C SER A 248 1.34 5.66 -0.71
N VAL A 249 0.08 6.03 -0.50
CA VAL A 249 -1.06 5.27 -1.02
C VAL A 249 -2.11 6.25 -1.53
N ARG A 250 -2.69 5.94 -2.69
CA ARG A 250 -3.75 6.74 -3.26
C ARG A 250 -4.72 5.82 -4.00
N GLN A 251 -5.78 6.43 -4.56
CA GLN A 251 -6.75 5.70 -5.38
C GLN A 251 -6.50 6.06 -6.84
N SER A 252 -5.97 5.11 -7.60
CA SER A 252 -5.62 5.39 -9.00
C SER A 252 -6.86 5.51 -9.88
N SER A 253 -7.80 4.59 -9.73
CA SER A 253 -9.00 4.56 -10.56
C SER A 253 -10.18 4.08 -9.73
N ALA A 254 -11.35 4.03 -10.36
CA ALA A 254 -12.56 3.63 -9.67
C ALA A 254 -12.57 2.16 -9.28
N GLN A 255 -11.70 1.35 -9.87
CA GLN A 255 -11.67 -0.08 -9.61
C GLN A 255 -10.43 -0.54 -8.86
N ASN A 256 -9.40 0.30 -8.73
CA ASN A 256 -8.14 -0.11 -8.15
C ASN A 256 -7.62 0.94 -7.19
N ARG A 257 -6.73 0.51 -6.29
CA ARG A 257 -6.05 1.37 -5.34
C ARG A 257 -4.55 1.22 -5.56
N LYS A 258 -3.86 2.35 -5.72
CA LYS A 258 -2.41 2.34 -5.86
C LYS A 258 -1.75 3.22 -4.79
N TYR B 1 -15.27 24.69 6.69
CA TYR B 1 -15.11 23.24 6.64
C TYR B 1 -16.07 22.60 5.63
N THR B 2 -15.58 21.59 4.92
CA THR B 2 -16.39 20.78 4.02
C THR B 2 -16.22 19.33 4.43
N ILE B 3 -17.28 18.74 4.98
CA ILE B 3 -17.22 17.39 5.54
C ILE B 3 -18.21 16.51 4.80
N LYS B 4 -17.75 15.34 4.36
CA LYS B 4 -18.56 14.39 3.62
C LYS B 4 -18.45 13.01 4.26
N VAL B 5 -19.57 12.30 4.30
CA VAL B 5 -19.65 10.96 4.88
C VAL B 5 -20.43 10.06 3.93
N GLU B 6 -19.97 8.81 3.80
CA GLU B 6 -20.63 7.83 2.94
C GLU B 6 -20.90 6.56 3.75
N VAL B 7 -22.15 6.10 3.72
CA VAL B 7 -22.56 4.89 4.44
C VAL B 7 -23.03 3.87 3.41
N PRO B 8 -22.39 2.71 3.32
CA PRO B 8 -22.81 1.70 2.34
C PRO B 8 -23.76 0.66 2.91
N LYS B 9 -24.33 -0.13 2.01
CA LYS B 9 -25.15 -1.29 2.35
C LYS B 9 -24.49 -2.52 1.77
N VAL B 10 -23.85 -3.33 2.61
CA VAL B 10 -22.99 -4.41 2.14
C VAL B 10 -23.83 -5.55 1.59
N ALA B 11 -23.36 -6.14 0.50
CA ALA B 11 -24.07 -7.25 -0.13
C ALA B 11 -23.09 -8.01 -1.04
N THR B 12 -23.56 -9.14 -1.56
CA THR B 12 -22.83 -9.92 -2.55
C THR B 12 -23.56 -9.80 -3.89
N GLN B 13 -22.80 -9.61 -4.96
CA GLN B 13 -23.36 -9.45 -6.29
C GLN B 13 -22.80 -10.52 -7.21
N THR B 14 -23.68 -11.06 -8.07
CA THR B 14 -23.34 -12.13 -9.00
C THR B 14 -23.13 -11.53 -10.39
N VAL B 15 -21.87 -11.42 -10.78
CA VAL B 15 -21.48 -11.00 -12.13
C VAL B 15 -21.26 -12.27 -12.93
N GLY B 16 -22.28 -12.69 -13.68
CA GLY B 16 -22.15 -13.85 -14.55
C GLY B 16 -21.75 -15.12 -13.84
N GLY B 17 -22.28 -15.34 -12.63
CA GLY B 17 -21.89 -16.48 -11.83
C GLY B 17 -20.73 -16.26 -10.89
N VAL B 18 -20.14 -15.06 -10.86
CA VAL B 18 -18.99 -14.76 -10.00
C VAL B 18 -19.46 -13.89 -8.84
N GLU B 19 -19.12 -14.30 -7.62
CA GLU B 19 -19.54 -13.58 -6.42
C GLU B 19 -18.51 -12.49 -6.11
N LEU B 20 -18.99 -11.26 -5.91
CA LEU B 20 -18.14 -10.14 -5.52
C LEU B 20 -18.80 -9.38 -4.38
N PRO B 21 -18.05 -8.99 -3.36
CA PRO B 21 -18.62 -8.12 -2.30
C PRO B 21 -18.70 -6.68 -2.80
N VAL B 22 -19.91 -6.12 -2.71
CA VAL B 22 -20.18 -4.77 -3.18
C VAL B 22 -21.11 -4.09 -2.19
N ALA B 23 -21.50 -2.86 -2.52
CA ALA B 23 -22.53 -2.12 -1.81
C ALA B 23 -23.73 -1.95 -2.72
N ALA B 24 -24.90 -2.38 -2.25
CA ALA B 24 -26.12 -2.24 -3.04
C ALA B 24 -26.44 -0.77 -3.31
N TRP B 25 -26.31 0.07 -2.28
CA TRP B 25 -26.52 1.51 -2.42
C TRP B 25 -25.72 2.21 -1.35
N ARG B 26 -25.53 3.51 -1.53
CA ARG B 26 -24.77 4.32 -0.59
C ARG B 26 -25.57 5.58 -0.24
N SER B 27 -25.49 5.98 1.03
CA SER B 27 -26.08 7.22 1.50
C SER B 27 -24.98 8.25 1.73
N TYR B 28 -25.23 9.47 1.24
CA TYR B 28 -24.25 10.55 1.25
C TYR B 28 -24.68 11.64 2.22
N LEU B 29 -23.71 12.19 2.94
CA LEU B 29 -23.91 13.35 3.81
C LEU B 29 -22.88 14.41 3.46
N ASN B 30 -23.36 15.61 3.15
CA ASN B 30 -22.52 16.75 2.80
C ASN B 30 -22.84 17.89 3.76
N MET B 31 -21.81 18.48 4.36
CA MET B 31 -22.03 19.61 5.25
C MET B 31 -20.92 20.64 5.08
N GLU B 32 -21.33 21.92 5.12
CA GLU B 32 -20.42 23.05 4.98
C GLU B 32 -20.61 23.97 6.18
N LEU B 33 -19.50 24.40 6.78
CA LEU B 33 -19.53 25.24 7.97
C LEU B 33 -18.69 26.49 7.73
N THR B 34 -19.26 27.65 8.00
CA THR B 34 -18.59 28.93 7.81
C THR B 34 -18.39 29.60 9.16
N ILE B 35 -17.15 30.03 9.43
CA ILE B 35 -16.82 30.69 10.69
C ILE B 35 -16.07 31.98 10.40
N PRO B 36 -16.52 33.12 10.92
CA PRO B 36 -15.79 34.38 10.72
C PRO B 36 -14.46 34.39 11.45
N ILE B 37 -13.53 35.19 10.93
CA ILE B 37 -12.19 35.26 11.48
C ILE B 37 -12.16 35.90 12.87
N PHE B 38 -13.22 36.62 13.25
CA PHE B 38 -13.27 37.27 14.55
C PHE B 38 -13.65 36.32 15.67
N ALA B 39 -13.97 35.06 15.35
CA ALA B 39 -14.46 34.13 16.35
C ALA B 39 -13.35 33.72 17.32
N THR B 40 -13.66 33.79 18.61
CA THR B 40 -12.78 33.32 19.67
C THR B 40 -12.99 31.82 19.87
N ASN B 41 -12.01 31.16 20.49
CA ASN B 41 -12.11 29.73 20.73
C ASN B 41 -13.37 29.36 21.50
N SER B 42 -13.85 30.25 22.38
CA SER B 42 -15.11 30.02 23.07
C SER B 42 -16.28 29.99 22.10
N ASP B 43 -16.27 30.88 21.10
CA ASP B 43 -17.31 30.85 20.08
C ASP B 43 -17.28 29.55 19.29
N CYS B 44 -16.09 29.06 18.96
CA CYS B 44 -15.97 27.78 18.25
C CYS B 44 -16.47 26.62 19.11
N GLU B 45 -16.17 26.64 20.42
CA GLU B 45 -16.72 25.63 21.31
C GLU B 45 -18.25 25.71 21.37
N LEU B 46 -18.82 26.92 21.39
CA LEU B 46 -20.26 27.05 21.35
C LEU B 46 -20.85 26.47 20.07
N ILE B 47 -20.19 26.72 18.94
CA ILE B 47 -20.66 26.16 17.67
C ILE B 47 -20.62 24.63 17.69
N VAL B 48 -19.53 24.07 18.22
CA VAL B 48 -19.42 22.62 18.32
C VAL B 48 -20.51 22.06 19.23
N LYS B 49 -20.78 22.74 20.35
CA LYS B 49 -21.84 22.29 21.25
C LYS B 49 -23.21 22.34 20.58
N ALA B 50 -23.48 23.40 19.81
CA ALA B 50 -24.76 23.47 19.09
C ALA B 50 -24.87 22.34 18.08
N MET B 51 -23.78 22.04 17.36
CA MET B 51 -23.81 20.94 16.40
C MET B 51 -24.06 19.61 17.11
N GLN B 52 -23.43 19.39 18.26
CA GLN B 52 -23.65 18.16 19.01
C GLN B 52 -25.09 18.06 19.51
N GLY B 53 -25.64 19.16 20.00
CA GLY B 53 -27.01 19.16 20.50
C GLY B 53 -28.06 19.05 19.42
N LEU B 54 -27.73 19.42 18.19
CA LEU B 54 -28.67 19.26 17.09
C LEU B 54 -29.03 17.79 16.85
N LEU B 55 -28.13 16.87 17.20
CA LEU B 55 -28.30 15.46 16.86
C LEU B 55 -28.30 14.56 18.08
N LYS B 56 -28.60 15.10 19.26
CA LYS B 56 -28.69 14.26 20.46
C LYS B 56 -29.92 13.38 20.40
N ASP B 57 -29.81 12.19 20.98
CA ASP B 57 -30.90 11.22 20.96
C ASP B 57 -32.13 11.79 21.66
N GLY B 58 -33.29 11.64 21.01
CA GLY B 58 -34.54 12.14 21.54
C GLY B 58 -35.01 13.45 20.94
N ASN B 59 -34.16 14.12 20.17
CA ASN B 59 -34.53 15.39 19.55
C ASN B 59 -35.25 15.15 18.24
N PRO B 60 -36.06 16.14 17.79
CA PRO B 60 -36.87 15.91 16.57
C PRO B 60 -36.05 15.55 15.34
N ILE B 61 -34.91 16.21 15.13
CA ILE B 61 -34.15 15.99 13.88
C ILE B 61 -33.60 14.57 13.78
N PRO B 62 -32.90 14.03 14.79
CA PRO B 62 -32.47 12.62 14.68
C PRO B 62 -33.62 11.64 14.69
N SER B 63 -34.71 11.94 15.39
CA SER B 63 -35.85 11.02 15.45
C SER B 63 -36.55 10.93 14.11
N ALA B 64 -36.60 12.01 13.35
CA ALA B 64 -37.15 11.95 12.00
C ALA B 64 -36.31 11.05 11.10
N ILE B 65 -34.98 11.16 11.19
CA ILE B 65 -34.10 10.37 10.32
C ILE B 65 -34.14 8.90 10.72
N ALA B 66 -34.18 8.61 12.02
CA ALA B 66 -34.13 7.23 12.48
C ALA B 66 -35.34 6.40 12.06
N ALA B 67 -36.41 7.03 11.58
CA ALA B 67 -37.60 6.32 11.12
C ALA B 67 -37.99 6.70 9.70
N ASN B 68 -37.09 7.37 8.97
CA ASN B 68 -37.31 7.78 7.58
C ASN B 68 -38.50 8.73 7.42
N SER B 69 -38.95 9.34 8.51
CA SER B 69 -40.11 10.22 8.50
C SER B 69 -39.67 11.68 8.39
N GLY B 70 -40.62 12.59 8.56
CA GLY B 70 -40.33 14.01 8.54
C GLY B 70 -40.71 14.69 9.84
N ILE B 71 -41.17 15.94 9.76
CA ILE B 71 -41.57 16.71 10.93
C ILE B 71 -43.08 16.61 11.08
N TYR B 72 -43.52 16.17 12.25
CA TYR B 72 -44.94 16.03 12.54
C TYR B 72 -45.26 16.49 13.96
N ALA B 202 -0.31 15.70 11.94
CA ALA B 202 0.19 14.88 13.04
C ALA B 202 -0.63 15.09 14.30
N SER B 203 -0.85 14.01 15.05
CA SER B 203 -1.62 13.95 16.29
C SER B 203 -3.10 14.18 16.05
N ASN B 204 -3.51 14.53 14.84
CA ASN B 204 -4.91 14.67 14.48
C ASN B 204 -5.37 13.66 13.42
N PHE B 205 -4.44 13.12 12.63
CA PHE B 205 -4.76 12.09 11.65
C PHE B 205 -4.69 10.72 12.33
N THR B 206 -5.74 10.42 13.09
CA THR B 206 -5.79 9.24 13.93
C THR B 206 -7.11 8.51 13.72
N GLN B 207 -7.09 7.20 13.94
CA GLN B 207 -8.29 6.39 13.81
C GLN B 207 -9.26 6.66 14.95
N PHE B 208 -10.55 6.64 14.65
CA PHE B 208 -11.58 6.89 15.65
C PHE B 208 -12.81 6.05 15.33
N VAL B 209 -13.64 5.82 16.35
CA VAL B 209 -14.86 5.04 16.20
C VAL B 209 -15.93 5.90 15.55
N LEU B 210 -16.42 5.46 14.40
CA LEU B 210 -17.48 6.18 13.70
C LEU B 210 -18.87 5.73 14.14
N VAL B 211 -19.08 4.43 14.28
CA VAL B 211 -20.35 3.88 14.74
C VAL B 211 -20.09 3.11 16.02
N ASP B 212 -20.77 3.49 17.10
CA ASP B 212 -20.63 2.85 18.40
C ASP B 212 -21.86 1.99 18.63
N ASN B 213 -21.66 0.69 18.88
CA ASN B 213 -22.72 -0.26 19.12
C ASN B 213 -22.54 -1.00 20.44
N GLY B 214 -22.16 -0.28 21.48
CA GLY B 214 -21.96 -0.87 22.79
C GLY B 214 -20.79 -1.83 22.88
N GLY B 215 -19.72 -1.55 22.14
CA GLY B 215 -18.53 -2.37 22.20
C GLY B 215 -18.54 -3.60 21.32
N THR B 216 -19.68 -3.96 20.74
CA THR B 216 -19.78 -5.12 19.85
C THR B 216 -20.40 -4.66 18.53
N GLY B 217 -19.70 -4.91 17.43
CA GLY B 217 -20.15 -4.46 16.14
C GLY B 217 -19.80 -3.02 15.80
N ASP B 218 -18.80 -2.45 16.46
CA ASP B 218 -18.42 -1.07 16.19
C ASP B 218 -17.77 -0.96 14.81
N VAL B 219 -17.84 0.25 14.25
CA VAL B 219 -17.22 0.56 12.96
C VAL B 219 -16.12 1.58 13.23
N THR B 220 -14.88 1.22 12.89
CA THR B 220 -13.73 2.08 13.09
C THR B 220 -13.14 2.45 11.74
N VAL B 221 -12.84 3.74 11.57
CA VAL B 221 -12.19 4.24 10.36
C VAL B 221 -10.74 4.57 10.67
N ALA B 222 -9.89 4.49 9.65
CA ALA B 222 -8.46 4.73 9.80
C ALA B 222 -7.98 5.67 8.70
N PRO B 223 -6.99 6.51 9.00
CA PRO B 223 -6.50 7.46 7.99
C PRO B 223 -5.93 6.76 6.78
N SER B 224 -6.16 7.34 5.60
CA SER B 224 -5.75 6.71 4.36
C SER B 224 -4.93 7.62 3.46
N ASN B 225 -5.29 8.91 3.39
CA ASN B 225 -4.70 9.79 2.42
C ASN B 225 -4.85 11.24 2.86
N PHE B 226 -3.88 12.06 2.51
CA PHE B 226 -3.90 13.50 2.77
C PHE B 226 -3.40 14.26 1.54
N ALA B 227 -3.90 13.87 0.38
CA ALA B 227 -3.52 14.49 -0.88
C ALA B 227 -4.36 15.73 -1.15
N ASN B 228 -3.71 16.76 -1.69
CA ASN B 228 -4.37 18.01 -2.10
C ASN B 228 -5.08 18.70 -0.92
N GLY B 229 -4.57 18.50 0.29
CA GLY B 229 -5.17 19.13 1.45
C GLY B 229 -6.48 18.54 1.90
N VAL B 230 -6.79 17.31 1.49
CA VAL B 230 -8.03 16.64 1.87
C VAL B 230 -7.64 15.38 2.65
N ALA B 231 -8.04 15.31 3.91
CA ALA B 231 -7.77 14.14 4.72
C ALA B 231 -8.92 13.13 4.56
N GLU B 232 -8.56 11.84 4.57
CA GLU B 232 -9.51 10.77 4.32
C GLU B 232 -9.38 9.67 5.36
N TRP B 233 -10.51 9.04 5.68
CA TRP B 233 -10.57 7.90 6.58
C TRP B 233 -11.35 6.78 5.89
N ILE B 234 -10.98 5.53 6.19
CA ILE B 234 -11.58 4.36 5.56
C ILE B 234 -11.64 3.23 6.59
N SER B 235 -12.78 2.54 6.65
CA SER B 235 -12.94 1.43 7.57
C SER B 235 -12.18 0.20 7.05
N SER B 236 -11.77 -0.66 8.00
CA SER B 236 -10.93 -1.82 7.69
C SER B 236 -11.80 -2.92 7.08
N ASN B 237 -12.03 -2.77 5.78
CA ASN B 237 -12.84 -3.72 5.01
C ASN B 237 -12.38 -3.66 3.56
N SER B 238 -13.15 -4.30 2.69
CA SER B 238 -12.97 -4.09 1.26
C SER B 238 -13.37 -2.66 0.91
N ARG B 239 -12.65 -2.07 -0.07
CA ARG B 239 -12.91 -0.70 -0.46
C ARG B 239 -14.33 -0.52 -0.98
N SER B 240 -14.93 -1.57 -1.55
CA SER B 240 -16.27 -1.47 -2.10
C SER B 240 -17.35 -1.49 -1.02
N GLN B 241 -17.02 -1.92 0.20
CA GLN B 241 -17.99 -2.00 1.29
C GLN B 241 -17.58 -1.17 2.49
N ALA B 242 -16.87 -0.06 2.29
CA ALA B 242 -16.23 0.66 3.38
C ALA B 242 -16.85 2.04 3.58
N TYR B 243 -16.77 2.51 4.83
CA TYR B 243 -17.17 3.86 5.18
C TYR B 243 -16.08 4.85 4.78
N LYS B 244 -16.51 6.02 4.31
CA LYS B 244 -15.60 7.04 3.81
C LYS B 244 -15.90 8.38 4.46
N VAL B 245 -14.88 9.00 5.06
CA VAL B 245 -14.99 10.30 5.73
C VAL B 245 -13.90 11.20 5.20
N THR B 246 -14.26 12.42 4.80
CA THR B 246 -13.31 13.42 4.33
C THR B 246 -13.54 14.74 5.05
N CYS B 247 -12.46 15.51 5.21
CA CYS B 247 -12.53 16.81 5.85
C CYS B 247 -11.45 17.71 5.25
N SER B 248 -11.83 18.96 4.94
CA SER B 248 -10.89 19.91 4.36
C SER B 248 -11.29 21.32 4.75
N VAL B 249 -10.29 22.20 4.86
CA VAL B 249 -10.49 23.59 5.21
C VAL B 249 -9.93 24.45 4.09
N ARG B 250 -10.56 25.60 3.86
CA ARG B 250 -10.14 26.50 2.79
C ARG B 250 -10.61 27.91 3.11
N GLN B 251 -9.75 28.90 2.84
CA GLN B 251 -10.09 30.31 3.04
C GLN B 251 -10.91 30.77 1.84
N SER B 252 -12.23 30.73 1.98
CA SER B 252 -13.12 31.07 0.88
C SER B 252 -13.20 32.57 0.64
N SER B 253 -13.19 33.37 1.70
CA SER B 253 -13.35 34.81 1.58
C SER B 253 -12.33 35.50 2.47
N ALA B 254 -12.29 36.83 2.40
CA ALA B 254 -11.31 37.59 3.17
C ALA B 254 -11.59 37.53 4.67
N GLN B 255 -12.86 37.38 5.06
CA GLN B 255 -13.23 37.36 6.48
C GLN B 255 -13.92 36.06 6.90
N ASN B 256 -14.03 35.10 6.00
CA ASN B 256 -14.70 33.83 6.31
C ASN B 256 -13.78 32.67 5.97
N ARG B 257 -13.83 31.63 6.81
CA ARG B 257 -13.09 30.40 6.58
C ARG B 257 -14.08 29.28 6.32
N LYS B 258 -14.07 28.76 5.10
CA LYS B 258 -14.93 27.64 4.74
C LYS B 258 -14.09 26.38 4.56
#